data_3AFR
#
_entry.id   3AFR
#
_cell.length_a   153.448
_cell.length_b   43.394
_cell.length_c   41.992
_cell.angle_alpha   90.000
_cell.angle_beta   95.341
_cell.angle_gamma   90.000
#
_symmetry.space_group_name_H-M   'C 1 2 1'
#
loop_
_entity.id
_entity.type
_entity.pdbx_description
1 polymer 'Vitamin D3 receptor'
2 polymer '13-meric peptide from Mediator of RNA polymerase II transcription subunit 1'
3 non-polymer '(1R,3S,5Z)-5-[(2E)-2-{(1R,3aS,7aR)-1-[(1R,2S,4R)-2-butyl-4-hydroxy-1,5-dimethylhexyl]-7a-methyloctahydro-4H-inden-4-yli dene}ethylidene]-4-methylidenecyclohexane-1,3-diol'
4 water water
#
loop_
_entity_poly.entity_id
_entity_poly.type
_entity_poly.pdbx_seq_one_letter_code
_entity_poly.pdbx_strand_id
1 'polypeptide(L)'
;GSHMGSPNSPLKDSLRPKLSEEQQHIIAILLDAHHKTYDPTYADFRDFRPPVRMDGSTGSVTLDLSPLSMLPHLADLVSY
SIQKVIGFAKMIPGFRDLTSDDQIVLLKSSAIEVIMLRSNQSFTMDDMSWDCGSQDYKYDVTDVSKAGHTLELIEPLIKF
QVGLKKLNLHEEEHVLLMAICIVSPDRPGVQDAKLVEAIQDRLSNTLQTYIRCRHPPPGSHQLYAKMIQKLADLRSLNEE
HSKQYRSLSFQPENSMKLTPLVLEVFGNEIS
;
A
2 'polypeptide(L)' KNHPMLMNLLKDN C
#
loop_
_chem_comp.id
_chem_comp.type
_chem_comp.name
_chem_comp.formula
ICJ non-polymer '(1R,3S,5Z)-5-[(2E)-2-{(1R,3aS,7aR)-1-[(1R,2S,4R)-2-butyl-4-hydroxy-1,5-dimethylhexyl]-7a-methyloctahydro-4H-inden-4-yli dene}ethylidene]-4-methylidenecyclohexane-1,3-diol' 'C31 H52 O3'
#
# COMPACT_ATOMS: atom_id res chain seq x y z
N LYS A 18 5.20 -28.31 5.01
CA LYS A 18 4.75 -27.68 6.28
C LYS A 18 5.58 -26.43 6.61
N LEU A 19 5.05 -25.59 7.48
CA LEU A 19 5.71 -24.36 7.88
C LEU A 19 6.89 -24.58 8.84
N SER A 20 8.09 -24.19 8.40
CA SER A 20 9.26 -24.33 9.25
C SER A 20 9.07 -23.38 10.44
N GLU A 21 9.95 -23.42 11.42
CA GLU A 21 9.80 -22.51 12.56
C GLU A 21 10.15 -21.08 12.11
N GLU A 22 11.08 -20.98 11.16
CA GLU A 22 11.47 -19.67 10.66
C GLU A 22 10.30 -19.01 9.94
N GLN A 23 9.58 -19.80 9.15
CA GLN A 23 8.44 -19.28 8.42
C GLN A 23 7.31 -18.86 9.35
N GLN A 24 7.16 -19.56 10.48
CA GLN A 24 6.12 -19.20 11.43
C GLN A 24 6.55 -17.90 12.12
N HIS A 25 7.86 -17.73 12.20
CA HIS A 25 8.47 -16.55 12.82
C HIS A 25 8.11 -15.34 11.95
N ILE A 26 8.40 -15.47 10.65
CA ILE A 26 8.11 -14.42 9.69
C ILE A 26 6.66 -13.94 9.76
N ILE A 27 5.72 -14.87 9.75
CA ILE A 27 4.31 -14.54 9.82
C ILE A 27 3.98 -13.82 11.12
N ALA A 28 4.50 -14.33 12.24
CA ALA A 28 4.26 -13.71 13.54
C ALA A 28 4.70 -12.26 13.50
N ILE A 29 5.91 -12.02 13.00
CA ILE A 29 6.46 -10.68 12.90
C ILE A 29 5.62 -9.75 12.00
N LEU A 30 5.26 -10.24 10.82
CA LEU A 30 4.49 -9.45 9.88
C LEU A 30 3.09 -9.13 10.42
N LEU A 31 2.45 -10.10 11.08
CA LEU A 31 1.13 -9.82 11.65
C LEU A 31 1.27 -8.70 12.69
N ASP A 32 2.29 -8.81 13.56
CA ASP A 32 2.50 -7.80 14.59
C ASP A 32 2.83 -6.44 14.00
N ALA A 33 3.73 -6.41 13.02
CA ALA A 33 4.12 -5.15 12.39
C ALA A 33 2.90 -4.43 11.81
N HIS A 34 1.96 -5.21 11.29
CA HIS A 34 0.76 -4.66 10.70
C HIS A 34 -0.19 -4.14 11.77
N HIS A 35 -0.30 -4.87 12.87
CA HIS A 35 -1.18 -4.47 13.96
C HIS A 35 -0.71 -3.17 14.58
N LYS A 36 0.59 -2.94 14.53
CA LYS A 36 1.16 -1.73 15.12
C LYS A 36 1.17 -0.55 14.16
N THR A 37 0.81 -0.78 12.91
CA THR A 37 0.80 0.29 11.91
C THR A 37 -0.54 0.48 11.21
N TYR A 38 -1.55 -0.29 11.61
CA TYR A 38 -2.88 -0.15 11.04
C TYR A 38 -3.93 -0.18 12.16
N ASP A 39 -4.46 1.00 12.48
CA ASP A 39 -5.47 1.14 13.52
C ASP A 39 -6.86 0.94 12.90
N PRO A 40 -7.46 -0.22 13.14
CA PRO A 40 -8.79 -0.51 12.58
C PRO A 40 -9.91 0.38 13.13
N THR A 41 -9.62 1.19 14.14
CA THR A 41 -10.65 2.09 14.66
C THR A 41 -10.52 3.45 13.96
N TYR A 42 -9.43 3.60 13.21
CA TYR A 42 -9.18 4.82 12.45
C TYR A 42 -9.34 6.07 13.32
N ALA A 43 -8.89 6.00 14.56
CA ALA A 43 -9.00 7.12 15.49
C ALA A 43 -8.26 8.40 15.07
N ASP A 44 -7.12 8.24 14.40
CA ASP A 44 -6.32 9.40 13.99
C ASP A 44 -6.88 10.23 12.85
N PHE A 45 -7.89 9.72 12.15
CA PHE A 45 -8.45 10.45 11.02
C PHE A 45 -8.96 11.83 11.42
N ARG A 46 -9.23 11.99 12.71
CA ARG A 46 -9.70 13.27 13.24
C ARG A 46 -8.61 14.35 13.16
N ASP A 47 -7.36 13.95 13.01
CA ASP A 47 -6.27 14.92 12.92
C ASP A 47 -6.08 15.47 11.51
N PHE A 48 -6.69 14.82 10.52
CA PHE A 48 -6.55 15.25 9.13
C PHE A 48 -7.40 16.49 8.84
N ARG A 49 -6.99 17.26 7.82
CA ARG A 49 -7.79 18.42 7.43
C ARG A 49 -9.14 17.79 7.10
N PRO A 50 -10.24 18.41 7.54
CA PRO A 50 -11.60 17.92 7.33
C PRO A 50 -12.03 17.68 5.89
N PRO A 51 -12.80 16.59 5.67
CA PRO A 51 -13.26 16.30 4.31
C PRO A 51 -14.40 17.23 3.93
N VAL A 52 -14.43 17.65 2.68
CA VAL A 52 -15.48 18.52 2.18
C VAL A 52 -16.15 17.86 0.98
N ARG A 53 -17.43 17.54 1.12
CA ARG A 53 -18.20 16.91 0.05
C ARG A 53 -19.30 17.87 -0.39
N MET A 54 -19.29 18.25 -1.67
CA MET A 54 -20.29 19.17 -2.19
C MET A 54 -20.98 18.60 -3.42
N SER A 66 -15.39 23.45 -6.92
CA SER A 66 -14.23 22.98 -6.15
C SER A 66 -13.97 21.51 -6.42
N PRO A 67 -13.54 21.18 -7.66
CA PRO A 67 -13.25 19.80 -8.06
C PRO A 67 -12.14 19.15 -7.23
N LEU A 68 -11.63 19.86 -6.24
CA LEU A 68 -10.58 19.32 -5.38
C LEU A 68 -10.92 19.55 -3.92
N SER A 69 -12.20 19.53 -3.60
CA SER A 69 -12.64 19.75 -2.23
C SER A 69 -12.24 18.65 -1.26
N MET A 70 -11.95 17.46 -1.79
CA MET A 70 -11.56 16.33 -0.95
C MET A 70 -10.04 16.15 -0.92
N LEU A 71 -9.30 16.96 -1.68
CA LEU A 71 -7.84 16.80 -1.72
C LEU A 71 -7.13 17.02 -0.38
N PRO A 72 -7.47 18.09 0.35
CA PRO A 72 -6.77 18.27 1.64
C PRO A 72 -6.89 17.04 2.54
N HIS A 73 -8.12 16.60 2.76
CA HIS A 73 -8.36 15.43 3.62
C HIS A 73 -7.68 14.17 3.12
N LEU A 74 -7.87 13.83 1.85
CA LEU A 74 -7.27 12.61 1.31
C LEU A 74 -5.74 12.68 1.20
N ALA A 75 -5.20 13.86 0.93
CA ALA A 75 -3.75 14.02 0.85
C ALA A 75 -3.19 13.71 2.24
N ASP A 76 -3.86 14.22 3.27
CA ASP A 76 -3.43 13.97 4.64
C ASP A 76 -3.52 12.48 4.95
N LEU A 77 -4.60 11.85 4.51
CA LEU A 77 -4.81 10.43 4.73
C LEU A 77 -3.67 9.65 4.07
N VAL A 78 -3.31 10.04 2.85
CA VAL A 78 -2.24 9.38 2.14
C VAL A 78 -0.89 9.60 2.82
N SER A 79 -0.64 10.83 3.24
CA SER A 79 0.62 11.16 3.89
C SER A 79 0.79 10.33 5.17
N TYR A 80 -0.29 10.28 5.94
CA TYR A 80 -0.30 9.51 7.18
C TYR A 80 -0.02 8.05 6.86
N SER A 81 -0.68 7.54 5.83
CA SER A 81 -0.53 6.15 5.45
C SER A 81 0.85 5.82 4.93
N ILE A 82 1.51 6.79 4.30
CA ILE A 82 2.85 6.54 3.82
C ILE A 82 3.74 6.28 5.04
N GLN A 83 3.51 7.04 6.11
CA GLN A 83 4.30 6.86 7.33
C GLN A 83 4.10 5.47 7.90
N LYS A 84 2.84 5.03 7.92
CA LYS A 84 2.52 3.72 8.44
C LYS A 84 3.14 2.60 7.61
N VAL A 85 3.16 2.78 6.29
CA VAL A 85 3.73 1.77 5.41
C VAL A 85 5.23 1.66 5.65
N ILE A 86 5.88 2.79 5.92
CA ILE A 86 7.31 2.80 6.21
C ILE A 86 7.56 2.03 7.51
N GLY A 87 6.74 2.32 8.52
CA GLY A 87 6.87 1.64 9.80
C GLY A 87 6.72 0.14 9.65
N PHE A 88 5.84 -0.26 8.72
CA PHE A 88 5.60 -1.68 8.45
C PHE A 88 6.85 -2.25 7.77
N ALA A 89 7.28 -1.57 6.71
CA ALA A 89 8.44 -2.01 5.94
C ALA A 89 9.67 -2.30 6.80
N LYS A 90 9.96 -1.41 7.75
CA LYS A 90 11.12 -1.55 8.62
C LYS A 90 11.12 -2.83 9.44
N MET A 91 9.93 -3.38 9.67
CA MET A 91 9.80 -4.61 10.45
C MET A 91 9.82 -5.89 9.61
N ILE A 92 9.94 -5.74 8.29
CA ILE A 92 9.97 -6.90 7.41
C ILE A 92 11.27 -7.67 7.65
N PRO A 93 11.18 -8.98 7.93
CA PRO A 93 12.40 -9.74 8.17
C PRO A 93 13.38 -9.63 7.00
N GLY A 94 14.58 -9.13 7.27
CA GLY A 94 15.58 -9.00 6.23
C GLY A 94 15.70 -7.62 5.64
N PHE A 95 14.67 -6.80 5.79
CA PHE A 95 14.67 -5.45 5.25
C PHE A 95 15.84 -4.63 5.80
N ARG A 96 16.16 -4.87 7.06
CA ARG A 96 17.26 -4.20 7.75
C ARG A 96 18.63 -4.41 7.10
N ASP A 97 18.84 -5.59 6.51
CA ASP A 97 20.11 -5.90 5.88
C ASP A 97 20.33 -5.14 4.57
N LEU A 98 19.32 -4.37 4.16
CA LEU A 98 19.41 -3.59 2.93
C LEU A 98 20.07 -2.25 3.23
N THR A 99 20.65 -1.62 2.20
CA THR A 99 21.28 -0.32 2.39
C THR A 99 20.20 0.74 2.50
N SER A 100 20.60 1.91 2.95
CA SER A 100 19.69 3.04 3.09
C SER A 100 19.12 3.43 1.74
N ASP A 101 19.98 3.51 0.72
CA ASP A 101 19.56 3.90 -0.62
C ASP A 101 18.61 2.90 -1.28
N ASP A 102 18.80 1.61 -1.01
CA ASP A 102 17.92 0.60 -1.59
C ASP A 102 16.58 0.64 -0.86
N GLN A 103 16.62 0.92 0.43
CA GLN A 103 15.39 0.99 1.20
C GLN A 103 14.52 2.13 0.69
N ILE A 104 15.16 3.26 0.37
CA ILE A 104 14.45 4.42 -0.12
C ILE A 104 13.79 4.14 -1.47
N VAL A 105 14.52 3.48 -2.37
CA VAL A 105 13.97 3.16 -3.68
C VAL A 105 12.79 2.20 -3.60
N LEU A 106 12.87 1.22 -2.71
CA LEU A 106 11.79 0.24 -2.57
C LEU A 106 10.52 0.92 -2.05
N LEU A 107 10.68 1.77 -1.03
CA LEU A 107 9.53 2.47 -0.44
C LEU A 107 8.91 3.51 -1.37
N LYS A 108 9.76 4.24 -2.08
CA LYS A 108 9.27 5.27 -2.99
C LYS A 108 8.40 4.70 -4.13
N SER A 109 8.78 3.52 -4.61
CA SER A 109 8.05 2.90 -5.71
C SER A 109 6.86 2.07 -5.27
N SER A 110 6.90 1.53 -4.06
CA SER A 110 5.81 0.68 -3.57
C SER A 110 4.74 1.40 -2.73
N ALA A 111 5.07 2.56 -2.18
CA ALA A 111 4.14 3.29 -1.32
C ALA A 111 2.68 3.31 -1.77
N ILE A 112 2.42 3.89 -2.93
CA ILE A 112 1.05 3.96 -3.41
C ILE A 112 0.44 2.54 -3.54
N GLU A 113 1.24 1.58 -3.97
CA GLU A 113 0.78 0.19 -4.11
C GLU A 113 0.41 -0.44 -2.77
N VAL A 114 1.24 -0.22 -1.76
CA VAL A 114 0.94 -0.80 -0.45
C VAL A 114 -0.26 -0.11 0.16
N ILE A 115 -0.41 1.18 -0.11
CA ILE A 115 -1.57 1.91 0.38
C ILE A 115 -2.82 1.32 -0.28
N MET A 116 -2.72 0.98 -1.57
CA MET A 116 -3.88 0.40 -2.24
C MET A 116 -4.18 -0.97 -1.66
N LEU A 117 -3.13 -1.75 -1.39
CA LEU A 117 -3.33 -3.07 -0.81
C LEU A 117 -3.88 -2.99 0.61
N ARG A 118 -3.25 -2.17 1.45
CA ARG A 118 -3.70 -2.07 2.83
C ARG A 118 -5.10 -1.50 2.93
N SER A 119 -5.50 -0.71 1.94
CA SER A 119 -6.83 -0.11 1.97
C SER A 119 -7.94 -1.15 1.77
N ASN A 120 -7.57 -2.33 1.27
CA ASN A 120 -8.55 -3.38 1.03
C ASN A 120 -9.24 -3.76 2.34
N GLN A 121 -8.54 -3.55 3.46
CA GLN A 121 -9.08 -3.87 4.78
C GLN A 121 -10.34 -3.06 5.11
N SER A 122 -10.42 -1.83 4.60
CA SER A 122 -11.60 -1.00 4.87
C SER A 122 -12.54 -0.97 3.66
N PHE A 123 -12.10 -1.53 2.54
CA PHE A 123 -12.95 -1.53 1.36
C PHE A 123 -14.12 -2.50 1.55
N THR A 124 -15.31 -2.09 1.11
CA THR A 124 -16.49 -2.94 1.25
C THR A 124 -17.26 -3.05 -0.06
N MET A 125 -17.57 -4.29 -0.44
CA MET A 125 -18.31 -4.51 -1.69
C MET A 125 -19.80 -4.18 -1.58
N ASP A 126 -20.24 -3.82 -0.38
CA ASP A 126 -21.64 -3.46 -0.19
C ASP A 126 -22.00 -2.29 -1.09
N ASP A 127 -21.19 -1.23 -1.05
CA ASP A 127 -21.42 -0.06 -1.89
C ASP A 127 -20.16 0.45 -2.57
N MET A 128 -19.20 -0.44 -2.80
CA MET A 128 -17.94 -0.07 -3.46
C MET A 128 -17.32 1.18 -2.84
N SER A 129 -17.00 1.11 -1.56
CA SER A 129 -16.40 2.25 -0.89
C SER A 129 -15.47 1.79 0.22
N TRP A 130 -14.71 2.73 0.75
CA TRP A 130 -13.79 2.44 1.85
C TRP A 130 -14.48 2.99 3.11
N ASP A 131 -14.89 2.09 3.99
CA ASP A 131 -15.60 2.48 5.21
C ASP A 131 -14.66 2.58 6.39
N CYS A 132 -14.26 3.80 6.75
CA CYS A 132 -13.34 3.98 7.86
C CYS A 132 -13.97 4.36 9.20
N GLY A 133 -15.07 3.70 9.56
CA GLY A 133 -15.70 3.95 10.84
C GLY A 133 -16.83 4.96 10.95
N SER A 134 -16.96 5.86 9.98
CA SER A 134 -18.03 6.85 10.06
C SER A 134 -18.30 7.47 8.69
N GLN A 135 -19.53 7.95 8.51
CA GLN A 135 -19.94 8.56 7.25
C GLN A 135 -18.96 9.62 6.76
N ASP A 136 -18.39 10.37 7.68
CA ASP A 136 -17.44 11.41 7.32
C ASP A 136 -16.16 10.79 6.76
N TYR A 137 -15.84 9.61 7.28
CA TYR A 137 -14.64 8.89 6.85
C TYR A 137 -15.00 7.65 6.03
N LYS A 138 -15.98 7.82 5.15
CA LYS A 138 -16.42 6.75 4.27
C LYS A 138 -16.26 7.31 2.87
N TYR A 139 -15.29 6.78 2.13
CA TYR A 139 -15.01 7.30 0.80
C TYR A 139 -15.51 6.46 -0.37
N ASP A 140 -16.08 7.14 -1.37
CA ASP A 140 -16.59 6.47 -2.56
C ASP A 140 -15.98 7.09 -3.80
N VAL A 141 -16.38 6.59 -4.96
CA VAL A 141 -15.85 7.07 -6.22
C VAL A 141 -15.98 8.57 -6.38
N THR A 142 -17.09 9.14 -5.90
CA THR A 142 -17.30 10.58 -5.99
C THR A 142 -16.24 11.32 -5.19
N ASP A 143 -15.97 10.84 -3.97
CA ASP A 143 -14.97 11.46 -3.11
C ASP A 143 -13.57 11.44 -3.75
N VAL A 144 -13.18 10.30 -4.29
CA VAL A 144 -11.87 10.17 -4.91
C VAL A 144 -11.75 11.08 -6.13
N SER A 145 -12.82 11.24 -6.89
CA SER A 145 -12.75 12.10 -8.07
C SER A 145 -12.61 13.56 -7.61
N LYS A 146 -12.98 13.84 -6.36
CA LYS A 146 -12.86 15.19 -5.85
C LYS A 146 -11.48 15.42 -5.22
N ALA A 147 -10.57 14.50 -5.49
CA ALA A 147 -9.21 14.59 -4.99
C ALA A 147 -8.30 14.91 -6.18
N GLY A 148 -8.93 15.06 -7.34
CA GLY A 148 -8.18 15.38 -8.54
C GLY A 148 -7.81 14.22 -9.45
N HIS A 149 -8.57 13.13 -9.39
CA HIS A 149 -8.30 11.98 -10.25
C HIS A 149 -9.52 11.63 -11.08
N THR A 150 -9.29 10.97 -12.21
CA THR A 150 -10.37 10.58 -13.13
C THR A 150 -10.68 9.08 -13.10
N LEU A 151 -11.75 8.67 -13.78
CA LEU A 151 -12.11 7.26 -13.80
C LEU A 151 -11.07 6.42 -14.51
N GLU A 152 -10.27 7.04 -15.38
CA GLU A 152 -9.21 6.31 -16.07
C GLU A 152 -8.46 5.49 -15.03
N LEU A 153 -8.35 6.06 -13.83
CA LEU A 153 -7.63 5.38 -12.75
C LEU A 153 -8.55 4.87 -11.63
N ILE A 154 -9.62 5.59 -11.33
CA ILE A 154 -10.50 5.17 -10.25
C ILE A 154 -11.26 3.87 -10.52
N GLU A 155 -11.80 3.73 -11.72
CA GLU A 155 -12.52 2.53 -12.08
C GLU A 155 -11.61 1.30 -11.94
N PRO A 156 -10.39 1.36 -12.52
CA PRO A 156 -9.52 0.19 -12.37
C PRO A 156 -9.18 -0.10 -10.90
N LEU A 157 -9.01 0.97 -10.11
CA LEU A 157 -8.70 0.82 -8.69
C LEU A 157 -9.83 0.07 -7.98
N ILE A 158 -11.07 0.47 -8.25
CA ILE A 158 -12.23 -0.19 -7.64
C ILE A 158 -12.26 -1.65 -8.06
N LYS A 159 -12.03 -1.89 -9.35
CA LYS A 159 -12.01 -3.26 -9.89
C LYS A 159 -10.95 -4.07 -9.15
N PHE A 160 -9.81 -3.43 -8.88
CA PHE A 160 -8.72 -4.09 -8.17
C PHE A 160 -9.17 -4.47 -6.76
N GLN A 161 -9.77 -3.52 -6.04
CA GLN A 161 -10.26 -3.75 -4.68
C GLN A 161 -11.26 -4.90 -4.59
N VAL A 162 -12.18 -4.96 -5.55
CA VAL A 162 -13.19 -6.01 -5.57
C VAL A 162 -12.57 -7.38 -5.81
N GLY A 163 -11.62 -7.45 -6.74
CA GLY A 163 -10.98 -8.72 -7.04
C GLY A 163 -10.13 -9.20 -5.87
N LEU A 164 -9.49 -8.26 -5.19
CA LEU A 164 -8.65 -8.58 -4.04
C LEU A 164 -9.53 -9.01 -2.86
N LYS A 165 -10.63 -8.29 -2.65
CA LYS A 165 -11.53 -8.63 -1.56
C LYS A 165 -12.05 -10.05 -1.75
N LYS A 166 -12.45 -10.38 -2.97
CA LYS A 166 -12.96 -11.71 -3.26
C LYS A 166 -11.96 -12.84 -3.03
N LEU A 167 -10.71 -12.51 -2.74
CA LEU A 167 -9.75 -13.59 -2.49
C LEU A 167 -9.84 -14.01 -1.02
N ASN A 168 -10.57 -13.23 -0.23
CA ASN A 168 -10.74 -13.49 1.20
C ASN A 168 -9.44 -13.97 1.81
N LEU A 169 -8.39 -13.19 1.64
CA LEU A 169 -7.08 -13.56 2.15
C LEU A 169 -7.11 -13.65 3.67
N HIS A 170 -6.26 -14.52 4.20
CA HIS A 170 -6.15 -14.64 5.65
C HIS A 170 -5.28 -13.43 5.99
N GLU A 171 -5.46 -12.86 7.18
CA GLU A 171 -4.63 -11.71 7.52
C GLU A 171 -3.16 -12.05 7.25
N GLU A 172 -2.79 -13.31 7.44
CA GLU A 172 -1.41 -13.79 7.23
C GLU A 172 -0.96 -13.60 5.78
N GLU A 173 -1.85 -13.90 4.85
CA GLU A 173 -1.55 -13.77 3.44
C GLU A 173 -1.50 -12.29 3.05
N HIS A 174 -2.37 -11.48 3.66
CA HIS A 174 -2.45 -10.05 3.40
C HIS A 174 -1.13 -9.35 3.76
N VAL A 175 -0.58 -9.68 4.93
CA VAL A 175 0.66 -9.03 5.36
C VAL A 175 1.86 -9.50 4.54
N LEU A 176 1.86 -10.77 4.16
CA LEU A 176 2.95 -11.30 3.34
C LEU A 176 2.94 -10.66 1.95
N LEU A 177 1.75 -10.44 1.41
CA LEU A 177 1.62 -9.81 0.08
C LEU A 177 2.18 -8.39 0.10
N MET A 178 1.84 -7.64 1.14
CA MET A 178 2.34 -6.27 1.25
C MET A 178 3.86 -6.26 1.38
N ALA A 179 4.39 -7.21 2.15
CA ALA A 179 5.84 -7.32 2.35
C ALA A 179 6.52 -7.70 1.03
N ILE A 180 5.94 -8.65 0.31
CA ILE A 180 6.48 -9.09 -0.98
C ILE A 180 6.44 -7.92 -1.98
N CYS A 181 5.38 -7.12 -1.95
CA CYS A 181 5.24 -5.96 -2.84
C CYS A 181 6.34 -4.90 -2.60
N ILE A 182 6.65 -4.69 -1.33
CA ILE A 182 7.68 -3.73 -0.91
C ILE A 182 9.10 -4.19 -1.32
N VAL A 183 9.40 -5.45 -1.07
CA VAL A 183 10.72 -5.99 -1.42
C VAL A 183 10.72 -6.59 -2.81
N SER A 184 10.56 -5.74 -3.82
CA SER A 184 10.55 -6.19 -5.21
C SER A 184 11.89 -5.81 -5.84
N PRO A 185 12.65 -6.81 -6.32
CA PRO A 185 13.97 -6.61 -6.94
C PRO A 185 14.01 -5.89 -8.29
N ASP A 186 12.86 -5.74 -8.95
CA ASP A 186 12.86 -5.09 -10.25
C ASP A 186 12.54 -3.60 -10.26
N ARG A 187 12.37 -3.01 -9.09
CA ARG A 187 12.07 -1.58 -9.03
C ARG A 187 13.27 -0.82 -9.60
N PRO A 188 13.03 0.22 -10.41
CA PRO A 188 14.16 0.97 -10.97
C PRO A 188 15.02 1.61 -9.88
N GLY A 189 16.32 1.70 -10.12
CA GLY A 189 17.22 2.32 -9.15
C GLY A 189 17.75 1.37 -8.10
N VAL A 190 17.31 0.12 -8.13
CA VAL A 190 17.76 -0.84 -7.14
C VAL A 190 19.21 -1.28 -7.43
N GLN A 191 20.02 -1.29 -6.38
CA GLN A 191 21.42 -1.67 -6.51
C GLN A 191 21.62 -3.15 -6.24
N ASP A 192 21.49 -3.55 -4.98
CA ASP A 192 21.67 -4.95 -4.60
C ASP A 192 20.39 -5.74 -4.85
N ALA A 193 20.00 -5.82 -6.12
CA ALA A 193 18.80 -6.52 -6.54
C ALA A 193 18.76 -7.99 -6.12
N LYS A 194 19.93 -8.61 -6.02
CA LYS A 194 19.95 -10.02 -5.64
C LYS A 194 19.63 -10.20 -4.17
N LEU A 195 20.04 -9.25 -3.34
CA LEU A 195 19.73 -9.34 -1.92
C LEU A 195 18.23 -9.13 -1.77
N VAL A 196 17.71 -8.14 -2.49
CA VAL A 196 16.29 -7.84 -2.46
C VAL A 196 15.51 -9.09 -2.87
N GLU A 197 16.03 -9.80 -3.87
CA GLU A 197 15.36 -11.01 -4.34
C GLU A 197 15.41 -12.12 -3.29
N ALA A 198 16.55 -12.27 -2.63
CA ALA A 198 16.71 -13.29 -1.62
C ALA A 198 15.71 -13.01 -0.49
N ILE A 199 15.62 -11.74 -0.10
CA ILE A 199 14.69 -11.35 0.95
C ILE A 199 13.25 -11.65 0.51
N GLN A 200 12.91 -11.27 -0.71
CA GLN A 200 11.56 -11.51 -1.22
C GLN A 200 11.24 -12.99 -1.31
N ASP A 201 12.16 -13.78 -1.87
CA ASP A 201 11.95 -15.22 -2.01
C ASP A 201 11.54 -15.86 -0.69
N ARG A 202 12.22 -15.49 0.40
CA ARG A 202 11.91 -16.02 1.71
C ARG A 202 10.47 -15.73 2.11
N LEU A 203 9.96 -14.57 1.71
CA LEU A 203 8.59 -14.19 2.03
C LEU A 203 7.64 -14.99 1.11
N SER A 204 8.00 -15.08 -0.17
CA SER A 204 7.19 -15.82 -1.14
C SER A 204 7.03 -17.28 -0.74
N ASN A 205 8.14 -17.92 -0.39
CA ASN A 205 8.13 -19.32 0.02
C ASN A 205 7.28 -19.48 1.27
N THR A 206 7.36 -18.50 2.17
CA THR A 206 6.56 -18.56 3.39
C THR A 206 5.11 -18.53 2.96
N LEU A 207 4.78 -17.60 2.07
CA LEU A 207 3.41 -17.47 1.57
C LEU A 207 2.92 -18.75 0.88
N GLN A 208 3.69 -19.24 -0.08
CA GLN A 208 3.30 -20.45 -0.81
C GLN A 208 3.07 -21.63 0.12
N THR A 209 3.97 -21.80 1.09
CA THR A 209 3.85 -22.90 2.03
C THR A 209 2.63 -22.69 2.93
N TYR A 210 2.44 -21.45 3.40
CA TYR A 210 1.31 -21.14 4.26
C TYR A 210 -0.02 -21.48 3.58
N ILE A 211 -0.12 -21.14 2.29
CA ILE A 211 -1.33 -21.42 1.55
C ILE A 211 -1.58 -22.93 1.50
N ARG A 212 -0.52 -23.69 1.25
CA ARG A 212 -0.62 -25.14 1.18
C ARG A 212 -0.98 -25.78 2.52
N CYS A 213 -0.51 -25.21 3.61
CA CYS A 213 -0.77 -25.77 4.94
C CYS A 213 -1.98 -25.23 5.70
N ARG A 214 -2.19 -23.93 5.63
CA ARG A 214 -3.27 -23.32 6.39
C ARG A 214 -4.48 -22.84 5.61
N HIS A 215 -4.41 -22.80 4.28
CA HIS A 215 -5.58 -22.33 3.52
C HIS A 215 -6.26 -23.51 2.85
N PRO A 216 -7.49 -23.81 3.29
CA PRO A 216 -8.34 -24.90 2.79
C PRO A 216 -8.96 -24.70 1.42
N PRO A 217 -8.97 -25.75 0.59
CA PRO A 217 -9.57 -25.63 -0.74
C PRO A 217 -11.07 -25.46 -0.51
N PRO A 218 -11.80 -24.90 -1.48
CA PRO A 218 -11.35 -24.40 -2.78
C PRO A 218 -10.66 -23.04 -2.72
N GLY A 219 -10.84 -22.33 -1.61
CA GLY A 219 -10.25 -21.01 -1.45
C GLY A 219 -8.77 -20.90 -1.81
N SER A 220 -8.06 -22.01 -1.71
CA SER A 220 -6.62 -22.04 -1.99
C SER A 220 -6.28 -22.29 -3.46
N HIS A 221 -7.30 -22.57 -4.26
CA HIS A 221 -7.09 -22.87 -5.67
C HIS A 221 -6.40 -21.76 -6.45
N GLN A 222 -5.14 -22.02 -6.82
CA GLN A 222 -4.34 -21.04 -7.56
C GLN A 222 -4.31 -19.72 -6.80
N LEU A 223 -4.39 -19.78 -5.48
CA LEU A 223 -4.39 -18.56 -4.69
C LEU A 223 -3.08 -17.78 -4.80
N TYR A 224 -1.95 -18.49 -4.81
CA TYR A 224 -0.66 -17.81 -4.92
C TYR A 224 -0.53 -17.10 -6.27
N ALA A 225 -0.91 -17.80 -7.33
CA ALA A 225 -0.84 -17.23 -8.68
C ALA A 225 -1.74 -16.00 -8.77
N LYS A 226 -2.88 -16.04 -8.09
CA LYS A 226 -3.83 -14.94 -8.10
C LYS A 226 -3.32 -13.74 -7.29
N MET A 227 -2.54 -14.02 -6.26
CA MET A 227 -2.00 -12.94 -5.43
C MET A 227 -0.88 -12.25 -6.19
N ILE A 228 -0.06 -13.03 -6.88
CA ILE A 228 1.03 -12.45 -7.65
C ILE A 228 0.42 -11.62 -8.78
N GLN A 229 -0.75 -12.03 -9.27
CA GLN A 229 -1.41 -11.30 -10.33
C GLN A 229 -1.84 -9.91 -9.86
N LYS A 230 -2.24 -9.80 -8.58
CA LYS A 230 -2.64 -8.51 -8.03
C LYS A 230 -1.43 -7.57 -8.01
N LEU A 231 -0.24 -8.12 -7.80
CA LEU A 231 0.97 -7.29 -7.81
C LEU A 231 1.14 -6.72 -9.21
N ALA A 232 0.86 -7.53 -10.22
CA ALA A 232 0.96 -7.07 -11.60
C ALA A 232 -0.07 -5.96 -11.82
N ASP A 233 -1.27 -6.17 -11.29
CA ASP A 233 -2.32 -5.17 -11.42
C ASP A 233 -1.89 -3.86 -10.78
N LEU A 234 -1.15 -3.96 -9.67
CA LEU A 234 -0.65 -2.79 -8.95
C LEU A 234 0.36 -2.00 -9.77
N ARG A 235 1.15 -2.67 -10.60
CA ARG A 235 2.13 -1.98 -11.43
C ARG A 235 1.40 -1.07 -12.42
N SER A 236 0.27 -1.54 -12.96
CA SER A 236 -0.52 -0.74 -13.91
C SER A 236 -1.14 0.44 -13.19
N LEU A 237 -1.63 0.21 -11.98
CA LEU A 237 -2.24 1.27 -11.19
C LEU A 237 -1.16 2.29 -10.80
N ASN A 238 0.02 1.81 -10.46
CA ASN A 238 1.12 2.68 -10.08
C ASN A 238 1.46 3.59 -11.27
N GLU A 239 1.59 2.98 -12.44
CA GLU A 239 1.92 3.71 -13.66
C GLU A 239 0.92 4.82 -13.94
N GLU A 240 -0.37 4.49 -13.95
CA GLU A 240 -1.38 5.49 -14.23
C GLU A 240 -1.39 6.54 -13.11
N HIS A 241 -1.10 6.11 -11.89
CA HIS A 241 -1.07 7.04 -10.78
C HIS A 241 0.04 8.06 -10.97
N SER A 242 1.23 7.61 -11.37
CA SER A 242 2.34 8.52 -11.60
C SER A 242 2.00 9.56 -12.66
N LYS A 243 1.26 9.18 -13.68
CA LYS A 243 0.88 10.12 -14.74
C LYS A 243 -0.12 11.15 -14.21
N GLN A 244 -1.15 10.69 -13.51
CA GLN A 244 -2.13 11.62 -12.98
C GLN A 244 -1.57 12.49 -11.87
N TYR A 245 -0.63 11.96 -11.09
CA TYR A 245 -0.03 12.74 -10.03
C TYR A 245 0.71 13.91 -10.67
N ARG A 246 1.44 13.64 -11.74
CA ARG A 246 2.17 14.69 -12.44
C ARG A 246 1.20 15.78 -12.85
N SER A 247 0.08 15.38 -13.45
CA SER A 247 -0.93 16.32 -13.90
C SER A 247 -1.50 17.14 -12.73
N LEU A 248 -1.95 16.43 -11.71
CA LEU A 248 -2.53 17.08 -10.53
C LEU A 248 -1.55 18.04 -9.87
N SER A 249 -0.33 17.58 -9.62
CA SER A 249 0.67 18.42 -8.98
C SER A 249 1.38 19.36 -9.96
N PHE A 250 0.88 19.43 -11.18
CA PHE A 250 1.46 20.31 -12.20
C PHE A 250 1.32 21.76 -11.74
N GLN A 251 0.09 22.18 -11.49
CA GLN A 251 -0.15 23.54 -11.04
C GLN A 251 0.25 23.70 -9.57
N PRO A 252 1.16 24.65 -9.29
CA PRO A 252 1.62 24.89 -7.92
C PRO A 252 0.44 25.06 -6.95
N GLU A 253 -0.68 25.53 -7.47
CA GLU A 253 -1.88 25.73 -6.66
C GLU A 253 -2.37 24.44 -6.01
N ASN A 254 -2.23 23.31 -6.71
CA ASN A 254 -2.68 22.03 -6.16
C ASN A 254 -1.61 21.33 -5.35
N SER A 255 -0.35 21.41 -5.79
CA SER A 255 0.73 20.76 -5.06
C SER A 255 0.79 21.43 -3.68
N MET A 256 0.23 22.62 -3.61
CA MET A 256 0.19 23.40 -2.39
C MET A 256 -0.76 22.74 -1.36
N LYS A 257 -1.71 21.94 -1.85
CA LYS A 257 -2.68 21.26 -0.98
C LYS A 257 -2.17 19.94 -0.40
N LEU A 258 -1.03 19.47 -0.89
CA LEU A 258 -0.46 18.21 -0.44
C LEU A 258 0.36 18.40 0.83
N THR A 259 1.15 17.39 1.19
CA THR A 259 1.98 17.50 2.37
C THR A 259 3.45 17.38 1.94
N PRO A 260 4.37 17.78 2.81
CA PRO A 260 5.79 17.68 2.45
C PRO A 260 6.20 16.22 2.16
N LEU A 261 5.70 15.28 2.97
CA LEU A 261 6.03 13.87 2.77
C LEU A 261 5.47 13.36 1.45
N VAL A 262 4.24 13.73 1.14
CA VAL A 262 3.63 13.28 -0.11
C VAL A 262 4.40 13.82 -1.31
N LEU A 263 4.90 15.05 -1.19
CA LEU A 263 5.65 15.65 -2.30
C LEU A 263 7.00 14.97 -2.48
N GLU A 264 7.66 14.67 -1.37
CA GLU A 264 8.97 14.02 -1.43
C GLU A 264 8.86 12.59 -2.00
N VAL A 265 7.90 11.82 -1.51
CA VAL A 265 7.73 10.45 -1.97
C VAL A 265 7.19 10.29 -3.39
N PHE A 266 6.06 10.92 -3.69
CA PHE A 266 5.46 10.80 -5.02
C PHE A 266 6.15 11.66 -6.08
N GLY A 267 7.07 12.51 -5.65
CA GLY A 267 7.78 13.34 -6.62
C GLY A 267 7.51 14.82 -6.51
N ASN A 268 8.46 15.59 -7.07
CA ASN A 268 8.40 17.06 -7.09
C ASN A 268 8.96 17.61 -5.77
N LYS B 1 18.19 14.08 -6.27
CA LYS B 1 17.56 12.91 -5.58
C LYS B 1 17.89 12.86 -4.09
N ASN B 2 17.12 13.61 -3.31
CA ASN B 2 17.30 13.65 -1.87
C ASN B 2 15.96 13.45 -1.20
N HIS B 3 15.88 12.45 -0.32
CA HIS B 3 14.64 12.15 0.38
C HIS B 3 14.89 12.15 1.88
N PRO B 4 15.20 13.33 2.44
CA PRO B 4 15.48 13.48 3.87
C PRO B 4 14.38 12.96 4.80
N MET B 5 13.13 13.25 4.48
CA MET B 5 12.02 12.80 5.33
C MET B 5 11.85 11.30 5.28
N LEU B 6 11.91 10.75 4.08
CA LEU B 6 11.77 9.31 3.90
C LEU B 6 12.93 8.61 4.61
N MET B 7 14.12 9.18 4.53
CA MET B 7 15.30 8.60 5.16
C MET B 7 15.18 8.66 6.68
N ASN B 8 14.73 9.78 7.20
CA ASN B 8 14.57 9.96 8.63
C ASN B 8 13.57 8.96 9.21
N LEU B 9 12.52 8.66 8.45
CA LEU B 9 11.50 7.72 8.91
C LEU B 9 11.94 6.26 8.81
N LEU B 10 12.82 5.95 7.86
CA LEU B 10 13.30 4.58 7.70
C LEU B 10 14.31 4.30 8.80
N LYS B 11 14.69 5.36 9.49
CA LYS B 11 15.64 5.35 10.59
C LYS B 11 17.01 5.68 10.03
O1 ICJ C . -4.02 3.44 4.81
O2 ICJ C . -7.81 1.30 4.76
O3 ICJ C . -2.46 10.40 -5.65
C01 ICJ C . -5.35 3.09 4.43
C02 ICJ C . -6.25 2.93 5.71
C03 ICJ C . -7.74 2.60 5.33
C04 ICJ C . -8.31 3.60 4.29
C05 ICJ C . -7.33 3.99 3.16
C06 ICJ C . -7.97 4.15 1.92
C07 ICJ C . -7.39 4.52 0.71
C08 ICJ C . -8.04 5.11 -0.37
C09 ICJ C . -9.57 5.44 -0.39
C10 ICJ C . -5.95 4.16 3.49
C11 ICJ C . -9.82 6.95 -0.65
C12 ICJ C . -8.87 7.53 -1.75
C13 ICJ C . -7.35 7.16 -1.56
C14 ICJ C . -7.31 5.60 -1.67
C15 ICJ C . -5.80 5.24 -1.83
C16 ICJ C . -5.27 6.47 -2.58
C17 ICJ C . -6.44 7.50 -2.78
C18 ICJ C . -6.77 7.85 -0.24
C19 ICJ C . -5.12 5.22 3.07
C20 ICJ C . -5.92 8.98 -3.00
C21 ICJ C . -7.09 9.99 -3.18
C22 ICJ C . -4.92 9.09 -4.21
C23 ICJ C . -4.39 10.54 -4.28
C24 ICJ C . -2.85 10.67 -4.33
C25 ICJ C . -2.33 12.09 -3.89
C26 ICJ C . -3.06 13.22 -4.66
C27 ICJ C . -2.59 12.32 -2.39
C28 ICJ C . -5.58 8.74 -5.57
C29 ICJ C . -5.31 7.34 -6.12
C30 ICJ C . -5.83 7.22 -7.56
C31 ICJ C . -7.36 7.23 -7.63
#